data_4P4P
#
_entry.id   4P4P
#
_cell.length_a   106.497
_cell.length_b   106.497
_cell.length_c   159.609
_cell.angle_alpha   90.00
_cell.angle_beta   90.00
_cell.angle_gamma   120.00
#
_symmetry.space_group_name_H-M   'P 65 2 2'
#
loop_
_entity.id
_entity.type
_entity.pdbx_description
1 polymer 'DNA polymerase beta'
2 polymer "DNA (5'-D(*CP*AP*GP*TP*AP*CP*T)-3')"
3 polymer "DNA (5'-D(P*GP*CP*CP*G)-3')"
4 polymer "DNA (5'-D(P*CP*GP*GP*CP*AP*GP*TP*AP*CP*TP*G)-3')"
5 non-polymer 'SODIUM ION'
6 water water
#
loop_
_entity_poly.entity_id
_entity_poly.type
_entity_poly.pdbx_seq_one_letter_code
_entity_poly.pdbx_strand_id
1 'polypeptide(L)'
;GHMLRRKFLRRDHRENIIRIFQEMADLNNALGEKYKVSSYHRSIESLKTNLDKPLNTPQDLKAFSGFGAKLLKKAEEIMA
TGKLEELESKTKPKLKAIQELTQVHGFGPRAAAALFDREGIFTVDELLQKADSIPSLTDQQRVGIKYFYDINEKIPMQES
VLHENYLREKCMEVLGKDFSILICGSYRRRHPFSGDVDAILSRTLDAPPLSEPVAATGVLGHFVEFLESLKYLEATMAQG
PLKYMGMGRLPPRIVRDKAGRENTKVYKARRVDIRLIETKSVPTAMLTFTGSKNFNVIMRQAAISKGYLLNEYGLFKLGT
PEEARALYERIGIRGKNAGEELGVPKDELEDKRVEVRSEQDVFDVLGMPYAKPENRDP
;
A
2 'polydeoxyribonucleotide' (DC)(DA)(DG)(DT)(DA)(DC)(DT) C
3 'polydeoxyribonucleotide' (DG)(DC)(DC)(DG) D
4 'polydeoxyribonucleotide' (DC)(DG)(DG)(DC)(DA)(DG)(DT)(DA)(DC)(DT)(DG) B
#
# COMPACT_ATOMS: atom_id res chain seq x y z
N LYS A 34 10.01 -1.54 -17.55
CA LYS A 34 10.40 -1.41 -16.15
C LYS A 34 11.80 -1.96 -15.94
N TYR A 35 12.20 -2.90 -16.78
CA TYR A 35 13.52 -3.53 -16.66
C TYR A 35 14.58 -2.61 -17.24
N LYS A 36 14.30 -2.07 -18.42
CA LYS A 36 15.20 -1.11 -19.06
C LYS A 36 15.43 0.08 -18.14
N VAL A 37 14.38 0.54 -17.47
CA VAL A 37 14.50 1.61 -16.49
C VAL A 37 15.38 1.21 -15.31
N PRO A 93 7.60 14.15 -29.03
CA PRO A 93 6.47 15.00 -28.67
C PRO A 93 5.45 14.25 -27.82
N LYS A 94 4.81 13.26 -28.42
CA LYS A 94 3.85 12.40 -27.73
C LYS A 94 4.52 11.78 -26.49
N LEU A 95 5.80 11.47 -26.60
CA LEU A 95 6.54 10.85 -25.51
C LEU A 95 6.70 11.83 -24.34
N LYS A 96 7.05 13.07 -24.65
CA LYS A 96 7.26 14.09 -23.62
C LYS A 96 5.94 14.41 -22.89
N ALA A 97 4.84 14.39 -23.63
CA ALA A 97 3.51 14.57 -23.05
C ALA A 97 3.18 13.41 -22.11
N ILE A 98 3.49 12.19 -22.53
CA ILE A 98 3.28 11.02 -21.69
C ILE A 98 4.07 11.16 -20.39
N GLN A 99 5.31 11.61 -20.52
CA GLN A 99 6.17 11.83 -19.36
C GLN A 99 5.57 12.88 -18.41
N GLU A 100 4.88 13.87 -18.96
CA GLU A 100 4.21 14.88 -18.16
C GLU A 100 2.98 14.31 -17.47
N LEU A 101 2.09 13.75 -18.28
CA LEU A 101 0.75 13.38 -17.83
C LEU A 101 0.71 12.23 -16.82
N THR A 102 1.71 11.36 -16.84
CA THR A 102 1.74 10.25 -15.90
C THR A 102 2.18 10.70 -14.52
N GLN A 103 2.35 11.99 -14.33
CA GLN A 103 2.63 12.53 -13.00
C GLN A 103 1.32 12.56 -12.22
N VAL A 104 0.21 12.52 -12.97
CA VAL A 104 -1.12 12.62 -12.39
C VAL A 104 -1.59 11.24 -11.96
N HIS A 105 -2.09 11.14 -10.73
CA HIS A 105 -2.57 9.85 -10.21
C HIS A 105 -3.74 9.31 -11.04
N GLY A 106 -3.61 8.07 -11.50
CA GLY A 106 -4.66 7.47 -12.28
C GLY A 106 -4.32 7.42 -13.76
N PHE A 107 -3.28 8.15 -14.13
CA PHE A 107 -2.86 8.19 -15.53
C PHE A 107 -1.55 7.46 -15.74
N GLY A 108 -1.59 6.41 -16.57
CA GLY A 108 -0.39 5.72 -17.00
C GLY A 108 -0.16 6.04 -18.48
N PRO A 109 0.84 5.40 -19.08
CA PRO A 109 1.13 5.59 -20.51
C PRO A 109 -0.10 5.47 -21.42
N ARG A 110 -0.99 4.55 -21.09
CA ARG A 110 -2.16 4.35 -21.95
C ARG A 110 -3.13 5.52 -21.90
N ALA A 111 -3.49 5.94 -20.69
CA ALA A 111 -4.43 7.06 -20.56
C ALA A 111 -3.76 8.33 -21.10
N ALA A 112 -2.45 8.41 -20.92
CA ALA A 112 -1.73 9.61 -21.34
C ALA A 112 -1.77 9.74 -22.86
N ALA A 113 -1.40 8.66 -23.54
CA ALA A 113 -1.46 8.62 -25.01
C ALA A 113 -2.85 8.97 -25.55
N ALA A 114 -3.89 8.49 -24.88
CA ALA A 114 -5.26 8.79 -25.32
C ALA A 114 -5.58 10.27 -25.12
N LEU A 115 -5.04 10.86 -24.05
CA LEU A 115 -5.23 12.28 -23.82
C LEU A 115 -4.57 13.03 -24.96
N PHE A 116 -3.31 12.69 -25.23
CA PHE A 116 -2.58 13.28 -26.33
C PHE A 116 -3.35 13.13 -27.65
N ASP A 117 -3.60 11.88 -28.05
CA ASP A 117 -4.26 11.59 -29.34
C ASP A 117 -5.67 12.16 -29.46
N ARG A 118 -6.56 11.74 -28.57
CA ARG A 118 -7.96 12.13 -28.64
C ARG A 118 -8.19 13.59 -28.25
N GLU A 119 -7.47 14.06 -27.25
CA GLU A 119 -7.79 15.35 -26.67
C GLU A 119 -6.77 16.44 -27.03
N GLY A 120 -5.60 16.03 -27.53
CA GLY A 120 -4.57 16.98 -27.91
C GLY A 120 -3.97 17.66 -26.71
N ILE A 121 -3.85 16.92 -25.62
CA ILE A 121 -3.30 17.45 -24.38
C ILE A 121 -1.84 17.09 -24.23
N PHE A 122 -1.00 18.12 -24.02
CA PHE A 122 0.45 17.96 -23.93
C PHE A 122 0.99 18.04 -22.50
N THR A 123 0.27 18.76 -21.64
CA THR A 123 0.82 19.10 -20.31
C THR A 123 -0.18 18.86 -19.18
N VAL A 124 0.35 18.75 -17.97
CA VAL A 124 -0.49 18.59 -16.80
C VAL A 124 -1.50 19.73 -16.72
N ASP A 125 -1.05 20.96 -16.93
CA ASP A 125 -1.91 22.12 -16.68
C ASP A 125 -3.09 22.18 -17.63
N GLU A 126 -2.89 21.70 -18.86
CA GLU A 126 -3.97 21.58 -19.83
C GLU A 126 -4.97 20.53 -19.38
N LEU A 127 -4.47 19.43 -18.82
CA LEU A 127 -5.33 18.39 -18.27
C LEU A 127 -6.12 18.90 -17.07
N LEU A 128 -5.44 19.60 -16.15
CA LEU A 128 -6.15 20.21 -15.04
C LEU A 128 -7.26 21.13 -15.54
N GLN A 129 -6.97 21.85 -16.62
CA GLN A 129 -7.90 22.86 -17.11
C GLN A 129 -9.09 22.24 -17.85
N LYS A 130 -8.82 21.15 -18.56
CA LYS A 130 -9.84 20.50 -19.39
C LYS A 130 -10.57 19.34 -18.71
N ALA A 131 -10.07 18.91 -17.56
CA ALA A 131 -10.53 17.65 -16.95
C ALA A 131 -12.05 17.50 -16.95
N ASP A 132 -12.73 18.49 -16.38
CA ASP A 132 -14.18 18.45 -16.23
C ASP A 132 -14.96 18.30 -17.54
N SER A 133 -14.31 18.55 -18.68
CA SER A 133 -15.03 18.50 -19.95
C SER A 133 -14.65 17.28 -20.78
N ILE A 134 -13.87 16.39 -20.18
CA ILE A 134 -13.55 15.10 -20.78
C ILE A 134 -14.33 14.02 -20.00
N PRO A 135 -15.52 13.67 -20.49
CA PRO A 135 -16.46 12.77 -19.80
C PRO A 135 -15.93 11.36 -19.52
N SER A 136 -14.90 10.93 -20.24
CA SER A 136 -14.38 9.57 -20.14
C SER A 136 -13.36 9.33 -19.00
N LEU A 137 -13.05 10.36 -18.21
CA LEU A 137 -12.07 10.17 -17.15
C LEU A 137 -12.71 9.36 -16.02
N THR A 138 -11.93 8.51 -15.35
CA THR A 138 -12.51 7.73 -14.27
C THR A 138 -12.70 8.63 -13.06
N ASP A 139 -13.53 8.21 -12.11
CA ASP A 139 -13.62 8.91 -10.84
C ASP A 139 -12.25 9.01 -10.16
N GLN A 140 -11.45 7.93 -10.23
CA GLN A 140 -10.14 7.93 -9.56
C GLN A 140 -9.21 8.97 -10.20
N GLN A 141 -9.24 9.05 -11.52
CA GLN A 141 -8.46 10.05 -12.23
C GLN A 141 -8.89 11.46 -11.86
N ARG A 142 -10.20 11.65 -11.70
CA ARG A 142 -10.73 12.96 -11.33
C ARG A 142 -10.28 13.38 -9.94
N VAL A 143 -10.12 12.40 -9.05
CA VAL A 143 -9.52 12.66 -7.74
C VAL A 143 -8.05 13.01 -7.86
N GLY A 144 -7.32 12.31 -8.73
CA GLY A 144 -5.91 12.58 -8.90
C GLY A 144 -5.70 13.99 -9.40
N ILE A 145 -6.61 14.42 -10.28
CA ILE A 145 -6.54 15.74 -10.87
C ILE A 145 -6.92 16.82 -9.87
N LYS A 146 -8.06 16.64 -9.22
CA LYS A 146 -8.57 17.63 -8.28
C LYS A 146 -7.60 17.83 -7.11
N TYR A 147 -6.93 16.76 -6.69
CA TYR A 147 -6.01 16.87 -5.56
C TYR A 147 -4.56 16.94 -5.99
N PHE A 148 -4.33 17.29 -7.25
CA PHE A 148 -2.97 17.32 -7.79
C PHE A 148 -1.98 18.11 -6.94
N TYR A 149 -2.36 19.32 -6.52
CA TYR A 149 -1.46 20.14 -5.67
C TYR A 149 -1.14 19.42 -4.35
N ASP A 150 -2.18 19.06 -3.60
CA ASP A 150 -1.99 18.37 -2.32
C ASP A 150 -1.10 17.13 -2.42
N ILE A 151 -1.41 16.29 -3.39
CA ILE A 151 -0.72 15.01 -3.55
C ILE A 151 0.78 15.22 -3.68
N ASN A 152 1.15 16.32 -4.31
CA ASN A 152 2.56 16.59 -4.58
C ASN A 152 3.21 17.49 -3.53
N GLU A 153 2.49 17.80 -2.45
CA GLU A 153 3.09 18.43 -1.28
C GLU A 153 3.61 17.34 -0.34
N LYS A 154 4.91 17.35 -0.07
CA LYS A 154 5.47 16.34 0.82
C LYS A 154 4.99 16.50 2.26
N ILE A 155 4.94 15.39 2.97
CA ILE A 155 4.53 15.41 4.36
C ILE A 155 5.79 15.48 5.24
N PRO A 156 5.86 16.49 6.11
CA PRO A 156 6.98 16.53 7.06
C PRO A 156 6.79 15.44 8.11
N MET A 157 7.89 14.80 8.48
CA MET A 157 7.89 13.76 9.52
C MET A 157 6.94 14.06 10.67
N GLN A 158 6.94 15.30 11.13
CA GLN A 158 6.19 15.71 12.31
C GLN A 158 4.70 15.61 12.09
N GLU A 159 4.27 15.85 10.86
CA GLU A 159 2.85 15.69 10.55
C GLU A 159 2.47 14.20 10.49
N SER A 160 3.40 13.37 10.01
CA SER A 160 3.16 11.92 9.96
C SER A 160 2.93 11.35 11.36
N VAL A 161 3.68 11.86 12.35
CA VAL A 161 3.44 11.51 13.75
C VAL A 161 1.99 11.78 14.15
N LEU A 162 1.47 12.92 13.72
CA LEU A 162 0.11 13.29 14.06
C LEU A 162 -0.89 12.36 13.36
N HIS A 163 -0.59 11.97 12.13
CA HIS A 163 -1.47 11.07 11.40
C HIS A 163 -1.49 9.71 12.08
N GLU A 164 -0.30 9.26 12.51
CA GLU A 164 -0.17 7.97 13.19
C GLU A 164 -0.99 7.96 14.48
N ASN A 165 -0.76 8.96 15.33
CA ASN A 165 -1.52 9.11 16.57
C ASN A 165 -3.04 9.15 16.34
N TYR A 166 -3.45 9.92 15.34
CA TYR A 166 -4.85 10.07 15.03
C TYR A 166 -5.44 8.73 14.61
N LEU A 167 -4.76 8.05 13.69
CA LEU A 167 -5.26 6.76 13.21
C LEU A 167 -5.35 5.71 14.31
N ARG A 168 -4.36 5.70 15.21
CA ARG A 168 -4.35 4.79 16.34
C ARG A 168 -5.47 5.11 17.30
N GLU A 169 -5.67 6.40 17.59
CA GLU A 169 -6.79 6.77 18.45
C GLU A 169 -8.13 6.36 17.84
N LYS A 170 -8.35 6.66 16.54
CA LYS A 170 -9.63 6.33 15.92
C LYS A 170 -9.85 4.83 15.79
N CYS A 171 -8.74 4.10 15.62
CA CYS A 171 -8.77 2.66 15.54
C CYS A 171 -9.25 2.10 16.87
N MET A 172 -8.71 2.62 17.96
CA MET A 172 -9.09 2.20 19.29
C MET A 172 -10.56 2.50 19.57
N GLU A 173 -11.04 3.64 19.07
CA GLU A 173 -12.41 4.05 19.32
C GLU A 173 -13.45 3.15 18.66
N VAL A 174 -13.28 2.90 17.37
CA VAL A 174 -14.33 2.22 16.62
C VAL A 174 -14.10 0.71 16.43
N LEU A 175 -12.85 0.27 16.57
CA LEU A 175 -12.51 -1.15 16.40
C LEU A 175 -12.11 -1.85 17.69
N GLY A 176 -11.58 -1.08 18.64
CA GLY A 176 -11.31 -1.60 19.97
C GLY A 176 -9.92 -2.19 20.07
N LYS A 177 -9.60 -2.74 21.23
CA LYS A 177 -8.23 -3.18 21.54
C LYS A 177 -7.74 -4.39 20.73
N ASP A 178 -8.64 -5.09 20.04
CA ASP A 178 -8.25 -6.22 19.20
C ASP A 178 -7.44 -5.78 17.98
N PHE A 179 -7.47 -4.48 17.68
CA PHE A 179 -6.85 -3.95 16.48
C PHE A 179 -5.81 -2.91 16.78
N SER A 180 -4.84 -2.81 15.88
CA SER A 180 -3.75 -1.87 16.03
C SER A 180 -3.42 -1.31 14.65
N ILE A 181 -2.79 -0.14 14.64
CA ILE A 181 -2.38 0.51 13.42
C ILE A 181 -0.89 0.78 13.52
N LEU A 182 -0.18 0.48 12.43
CA LEU A 182 1.23 0.83 12.31
C LEU A 182 1.45 1.59 11.00
N ILE A 183 2.13 2.74 11.08
CA ILE A 183 2.49 3.51 9.88
C ILE A 183 3.87 3.10 9.41
N CYS A 184 3.98 2.76 8.13
CA CYS A 184 5.24 2.28 7.58
C CYS A 184 5.81 3.27 6.58
N GLY A 185 6.20 2.77 5.40
CA GLY A 185 6.68 3.61 4.32
C GLY A 185 7.97 4.35 4.64
N SER A 186 8.28 5.35 3.84
CA SER A 186 9.51 6.11 4.02
C SER A 186 9.54 6.78 5.40
N TYR A 187 8.37 7.06 5.95
CA TYR A 187 8.30 7.58 7.31
C TYR A 187 9.00 6.65 8.31
N ARG A 188 8.73 5.36 8.20
CA ARG A 188 9.34 4.41 9.12
C ARG A 188 10.82 4.26 8.81
N ARG A 189 11.20 4.51 7.56
CA ARG A 189 12.61 4.49 7.19
C ARG A 189 13.25 5.79 7.65
N ARG A 190 12.48 6.60 8.36
CA ARG A 190 12.96 7.81 9.01
C ARG A 190 13.38 8.95 8.07
N HIS A 191 12.84 8.97 6.85
CA HIS A 191 13.03 10.12 5.97
C HIS A 191 12.40 11.39 6.59
N PRO A 192 13.04 12.56 6.41
CA PRO A 192 12.41 13.77 6.93
C PRO A 192 11.06 14.09 6.26
N PHE A 193 10.92 13.76 4.98
CA PHE A 193 9.63 13.96 4.29
C PHE A 193 9.14 12.67 3.64
N SER A 194 7.82 12.49 3.55
CA SER A 194 7.22 11.37 2.82
C SER A 194 6.13 11.85 1.87
N GLY A 195 5.79 11.02 0.88
CA GLY A 195 4.76 11.35 -0.08
C GLY A 195 3.38 10.84 0.35
N ASP A 196 3.29 10.08 1.42
CA ASP A 196 1.97 9.63 1.87
C ASP A 196 1.97 9.03 3.27
N VAL A 197 0.78 8.62 3.70
CA VAL A 197 0.58 7.94 4.98
C VAL A 197 0.22 6.50 4.66
N ASP A 198 1.08 5.59 5.07
CA ASP A 198 1.01 4.21 4.61
C ASP A 198 0.81 3.30 5.83
N ALA A 199 -0.44 2.89 6.04
CA ALA A 199 -0.83 2.26 7.31
C ALA A 199 -1.18 0.77 7.20
N ILE A 200 -0.80 0.02 8.22
CA ILE A 200 -1.25 -1.37 8.34
C ILE A 200 -2.28 -1.51 9.45
N LEU A 201 -3.42 -2.09 9.12
CA LEU A 201 -4.43 -2.42 10.10
C LEU A 201 -4.40 -3.92 10.32
N SER A 202 -4.32 -4.34 11.58
CA SER A 202 -4.23 -5.76 11.89
C SER A 202 -4.69 -6.08 13.30
N ARG A 203 -5.14 -7.31 13.52
CA ARG A 203 -5.49 -7.76 14.86
C ARG A 203 -4.24 -8.01 15.71
N THR A 204 -4.31 -7.67 16.99
CA THR A 204 -3.16 -7.82 17.86
C THR A 204 -2.93 -9.30 18.13
N LEU A 205 -1.74 -9.63 18.62
CA LEU A 205 -1.41 -11.02 18.95
C LEU A 205 -2.33 -11.59 20.03
N ASP A 206 -2.92 -10.71 20.85
CA ASP A 206 -3.78 -11.10 21.97
C ASP A 206 -5.25 -11.28 21.62
N ALA A 207 -5.62 -10.85 20.41
CA ALA A 207 -7.02 -10.89 20.02
C ALA A 207 -7.44 -12.33 19.76
N PRO A 208 -8.69 -12.65 20.08
CA PRO A 208 -9.22 -14.00 19.82
C PRO A 208 -9.07 -14.36 18.34
N PRO A 209 -8.74 -15.62 18.06
CA PRO A 209 -8.70 -16.09 16.66
C PRO A 209 -10.07 -15.98 15.98
N LEU A 210 -10.05 -15.80 14.67
CA LEU A 210 -11.27 -15.76 13.88
C LEU A 210 -11.32 -17.06 13.10
N SER A 211 -12.51 -17.46 12.68
CA SER A 211 -12.64 -18.64 11.84
C SER A 211 -12.76 -18.28 10.34
N GLU A 212 -12.54 -17.01 10.02
CA GLU A 212 -12.65 -16.48 8.65
CA GLU A 212 -12.59 -16.55 8.64
C GLU A 212 -11.49 -15.51 8.37
N PRO A 213 -11.19 -15.25 7.09
CA PRO A 213 -10.22 -14.19 6.84
C PRO A 213 -10.71 -12.90 7.47
N VAL A 214 -9.82 -12.10 8.05
CA VAL A 214 -10.28 -10.89 8.70
C VAL A 214 -10.91 -9.91 7.71
N ALA A 215 -10.50 -9.96 6.44
CA ALA A 215 -11.06 -9.05 5.44
C ALA A 215 -12.51 -9.40 5.08
N ALA A 216 -12.95 -10.59 5.47
CA ALA A 216 -14.33 -11.02 5.19
C ALA A 216 -15.33 -10.48 6.22
N THR A 217 -14.82 -9.92 7.31
CA THR A 217 -15.69 -9.35 8.34
C THR A 217 -16.08 -7.90 8.01
N GLY A 218 -15.48 -7.33 6.97
CA GLY A 218 -15.81 -5.98 6.54
C GLY A 218 -15.21 -4.89 7.40
N VAL A 219 -14.21 -5.22 8.21
CA VAL A 219 -13.64 -4.24 9.15
C VAL A 219 -12.92 -3.05 8.51
N LEU A 220 -12.27 -3.25 7.36
CA LEU A 220 -11.63 -2.13 6.68
C LEU A 220 -12.68 -1.08 6.29
N GLY A 221 -13.80 -1.53 5.75
CA GLY A 221 -14.90 -0.64 5.38
C GLY A 221 -15.54 0.10 6.55
N HIS A 222 -15.67 -0.57 7.67
CA HIS A 222 -16.22 0.05 8.87
C HIS A 222 -15.28 1.14 9.33
N PHE A 223 -13.99 0.83 9.32
CA PHE A 223 -12.97 1.78 9.76
C PHE A 223 -12.93 3.00 8.84
N VAL A 224 -12.98 2.75 7.54
CA VAL A 224 -12.96 3.82 6.54
C VAL A 224 -14.17 4.75 6.74
N GLU A 225 -15.34 4.16 6.91
CA GLU A 225 -16.57 4.93 7.11
C GLU A 225 -16.49 5.76 8.39
N PHE A 226 -15.88 5.20 9.44
CA PHE A 226 -15.70 5.96 10.66
C PHE A 226 -14.89 7.21 10.37
N LEU A 227 -13.77 7.03 9.67
CA LEU A 227 -12.86 8.12 9.37
C LEU A 227 -13.48 9.13 8.39
N GLU A 228 -14.41 8.67 7.58
CA GLU A 228 -15.11 9.58 6.68
C GLU A 228 -16.10 10.43 7.48
N SER A 229 -16.81 9.82 8.43
CA SER A 229 -17.82 10.56 9.19
C SER A 229 -17.15 11.68 9.97
N LEU A 230 -15.88 11.49 10.30
CA LEU A 230 -15.09 12.49 11.01
C LEU A 230 -14.50 13.53 10.05
N LYS A 231 -14.72 13.33 8.75
CA LYS A 231 -14.12 14.20 7.74
C LYS A 231 -12.59 14.12 7.71
N TYR A 232 -12.02 13.03 8.23
CA TYR A 232 -10.59 12.82 8.05
C TYR A 232 -10.35 12.32 6.63
N LEU A 233 -11.06 11.28 6.23
CA LEU A 233 -11.01 10.79 4.87
C LEU A 233 -12.02 11.57 4.04
N GLU A 234 -11.59 12.23 2.98
CA GLU A 234 -12.50 13.08 2.22
C GLU A 234 -12.63 12.72 0.74
N ALA A 235 -11.83 11.77 0.27
CA ALA A 235 -11.93 11.34 -1.12
C ALA A 235 -11.33 9.96 -1.30
N THR A 236 -11.93 9.15 -2.15
CA THR A 236 -11.50 7.77 -2.34
C THR A 236 -10.97 7.57 -3.75
N MET A 237 -9.77 7.01 -3.86
CA MET A 237 -9.26 6.62 -5.17
C MET A 237 -9.64 5.20 -5.51
N ALA A 238 -9.53 4.32 -4.52
CA ALA A 238 -9.90 2.92 -4.69
C ALA A 238 -10.04 2.28 -3.33
N GLN A 239 -11.03 1.39 -3.20
CA GLN A 239 -11.25 0.69 -1.94
C GLN A 239 -11.75 -0.73 -2.20
N GLY A 240 -11.11 -1.71 -1.57
CA GLY A 240 -11.59 -3.09 -1.60
C GLY A 240 -11.52 -3.59 -0.16
N PRO A 241 -11.74 -4.90 0.03
CA PRO A 241 -11.74 -5.46 1.39
C PRO A 241 -10.34 -5.55 2.01
N LEU A 242 -9.31 -5.51 1.18
CA LEU A 242 -7.91 -5.58 1.66
C LEU A 242 -7.19 -4.23 1.68
N LYS A 243 -7.57 -3.32 0.79
CA LYS A 243 -6.81 -2.09 0.63
C LYS A 243 -7.64 -0.85 0.32
N TYR A 244 -7.38 0.21 1.07
CA TYR A 244 -7.97 1.52 0.83
C TYR A 244 -6.90 2.50 0.37
N MET A 245 -7.21 3.27 -0.68
CA MET A 245 -6.34 4.38 -1.11
C MET A 245 -7.19 5.63 -1.26
N GLY A 246 -6.82 6.72 -0.58
CA GLY A 246 -7.57 7.95 -0.72
C GLY A 246 -6.87 9.18 -0.19
N MET A 247 -7.65 10.19 0.18
CA MET A 247 -7.11 11.44 0.70
C MET A 247 -7.59 11.65 2.13
N GLY A 248 -6.66 11.97 3.01
CA GLY A 248 -6.97 12.21 4.40
C GLY A 248 -6.39 13.52 4.87
N ARG A 249 -7.13 14.22 5.71
CA ARG A 249 -6.71 15.52 6.20
C ARG A 249 -6.94 15.61 7.70
N LEU A 250 -5.89 15.90 8.46
CA LEU A 250 -6.06 16.10 9.89
C LEU A 250 -7.03 17.26 10.14
N PRO A 251 -7.83 17.18 11.22
CA PRO A 251 -8.71 18.31 11.52
C PRO A 251 -7.87 19.51 11.96
N PRO A 252 -8.43 20.73 11.83
CA PRO A 252 -7.66 21.93 12.14
C PRO A 252 -7.27 21.98 13.62
N ARG A 253 -6.11 22.55 13.93
CA ARG A 253 -5.68 22.70 15.32
C ARG A 253 -5.73 24.18 15.73
N ILE A 254 -6.07 24.41 16.99
CA ILE A 254 -6.13 25.76 17.52
C ILE A 254 -4.98 26.01 18.50
N ASN A 263 -4.82 31.30 16.86
CA ASN A 263 -4.51 30.92 15.49
C ASN A 263 -4.87 29.46 15.18
N THR A 264 -5.57 29.25 14.07
CA THR A 264 -5.95 27.91 13.65
C THR A 264 -5.19 27.48 12.40
N LYS A 265 -4.74 26.23 12.38
CA LYS A 265 -4.02 25.70 11.24
C LYS A 265 -4.88 24.69 10.49
N VAL A 266 -5.06 24.94 9.19
CA VAL A 266 -5.73 24.00 8.32
C VAL A 266 -4.65 23.13 7.70
N TYR A 267 -4.82 21.82 7.77
CA TYR A 267 -3.85 20.90 7.20
C TYR A 267 -4.10 20.61 5.73
N LYS A 268 -3.04 20.28 5.00
CA LYS A 268 -3.20 19.77 3.64
C LYS A 268 -3.81 18.37 3.63
N ALA A 269 -4.52 18.04 2.56
CA ALA A 269 -4.96 16.66 2.38
C ALA A 269 -3.77 15.83 1.93
N ARG A 270 -3.73 14.58 2.40
CA ARG A 270 -2.59 13.72 2.18
C ARG A 270 -3.05 12.40 1.59
N ARG A 271 -2.22 11.81 0.74
CA ARG A 271 -2.49 10.44 0.31
C ARG A 271 -2.41 9.52 1.52
N VAL A 272 -3.47 8.74 1.73
CA VAL A 272 -3.52 7.74 2.79
C VAL A 272 -3.81 6.35 2.19
N ASP A 273 -2.93 5.39 2.48
CA ASP A 273 -3.21 4.01 2.13
C ASP A 273 -3.42 3.24 3.43
N ILE A 274 -4.41 2.35 3.44
CA ILE A 274 -4.60 1.48 4.59
C ILE A 274 -4.75 0.06 4.07
N ARG A 275 -3.90 -0.83 4.59
CA ARG A 275 -4.00 -2.24 4.26
C ARG A 275 -4.37 -3.09 5.48
N LEU A 276 -5.37 -3.95 5.30
CA LEU A 276 -5.83 -4.88 6.32
C LEU A 276 -5.06 -6.19 6.18
N ILE A 277 -4.31 -6.56 7.22
CA ILE A 277 -3.34 -7.65 7.18
C ILE A 277 -3.57 -8.64 8.34
N GLU A 278 -3.57 -9.94 8.03
CA GLU A 278 -3.74 -10.98 9.05
C GLU A 278 -2.59 -10.91 10.07
N THR A 279 -2.88 -11.24 11.32
CA THR A 279 -1.89 -11.15 12.38
C THR A 279 -0.55 -11.85 12.07
N LYS A 280 -0.60 -13.10 11.63
CA LYS A 280 0.63 -13.84 11.34
C LYS A 280 1.40 -13.23 10.17
N SER A 281 0.74 -12.36 9.39
CA SER A 281 1.38 -11.72 8.23
C SER A 281 2.01 -10.35 8.54
N VAL A 282 1.83 -9.87 9.75
CA VAL A 282 2.34 -8.54 10.11
C VAL A 282 3.85 -8.30 9.83
N PRO A 283 4.74 -9.18 10.33
CA PRO A 283 6.17 -8.90 10.10
C PRO A 283 6.52 -8.84 8.60
N THR A 284 5.97 -9.75 7.80
CA THR A 284 6.21 -9.72 6.36
C THR A 284 5.60 -8.48 5.68
N ALA A 285 4.44 -8.02 6.18
CA ALA A 285 3.79 -6.83 5.62
C ALA A 285 4.52 -5.54 6.04
N MET A 286 5.02 -5.54 7.26
CA MET A 286 5.88 -4.44 7.71
C MET A 286 7.10 -4.34 6.81
N LEU A 287 7.67 -5.49 6.46
CA LEU A 287 8.83 -5.49 5.57
C LEU A 287 8.42 -4.89 4.24
N THR A 288 7.32 -5.38 3.69
CA THR A 288 6.94 -4.99 2.34
C THR A 288 6.60 -3.51 2.30
N PHE A 289 5.84 -3.04 3.28
CA PHE A 289 5.25 -1.73 3.17
C PHE A 289 6.14 -0.64 3.78
N THR A 290 7.30 -1.04 4.29
CA THR A 290 8.33 -0.12 4.74
C THR A 290 9.30 0.09 3.58
N GLY A 291 9.40 -0.92 2.72
CA GLY A 291 10.29 -0.82 1.58
C GLY A 291 11.74 -0.60 1.97
N SER A 292 12.51 0.11 1.15
CA SER A 292 12.03 0.70 -0.10
C SER A 292 11.63 -0.34 -1.13
N LYS A 293 11.11 0.14 -2.25
CA LYS A 293 10.80 -0.72 -3.38
C LYS A 293 12.00 -1.56 -3.83
N ASN A 294 13.16 -0.93 -4.00
CA ASN A 294 14.38 -1.63 -4.39
CA ASN A 294 14.36 -1.65 -4.41
C ASN A 294 14.81 -2.64 -3.34
N PHE A 295 14.68 -2.23 -2.08
CA PHE A 295 14.95 -3.15 -1.00
C PHE A 295 14.10 -4.41 -1.14
N ASN A 296 12.79 -4.25 -1.37
CA ASN A 296 11.89 -5.41 -1.47
C ASN A 296 12.29 -6.30 -2.62
N VAL A 297 12.66 -5.68 -3.73
CA VAL A 297 13.00 -6.45 -4.91
C VAL A 297 14.22 -7.33 -4.65
N ILE A 298 15.25 -6.74 -4.05
CA ILE A 298 16.47 -7.45 -3.68
C ILE A 298 16.21 -8.61 -2.73
N MET A 299 15.38 -8.36 -1.73
CA MET A 299 15.07 -9.40 -0.76
C MET A 299 14.22 -10.50 -1.39
N ARG A 300 13.35 -10.14 -2.34
CA ARG A 300 12.50 -11.14 -2.98
C ARG A 300 13.31 -11.99 -3.93
N GLN A 301 14.33 -11.40 -4.54
CA GLN A 301 15.28 -12.14 -5.38
C GLN A 301 16.12 -13.10 -4.52
N ALA A 302 16.50 -12.66 -3.33
CA ALA A 302 17.26 -13.52 -2.43
C ALA A 302 16.36 -14.69 -2.06
N ALA A 303 15.10 -14.41 -1.78
CA ALA A 303 14.14 -15.47 -1.48
C ALA A 303 14.03 -16.49 -2.63
N ILE A 304 13.82 -15.97 -3.85
CA ILE A 304 13.76 -16.82 -5.03
C ILE A 304 15.00 -17.73 -5.17
N SER A 305 16.18 -17.14 -4.96
CA SER A 305 17.42 -17.90 -5.16
C SER A 305 17.53 -19.05 -4.16
N LYS A 306 16.86 -18.92 -3.02
CA LYS A 306 16.88 -19.99 -2.02
C LYS A 306 15.63 -20.86 -2.04
N GLY A 307 14.80 -20.69 -3.05
CA GLY A 307 13.63 -21.54 -3.21
C GLY A 307 12.44 -21.14 -2.34
N TYR A 308 12.40 -19.86 -1.97
CA TYR A 308 11.25 -19.31 -1.24
C TYR A 308 10.41 -18.35 -2.08
N LEU A 309 9.15 -18.16 -1.68
CA LEU A 309 8.34 -17.06 -2.17
C LEU A 309 8.22 -16.09 -1.01
N LEU A 310 8.59 -14.83 -1.23
CA LEU A 310 8.38 -13.81 -0.20
C LEU A 310 7.40 -12.74 -0.67
N ASN A 311 6.38 -12.51 0.14
CA ASN A 311 5.43 -11.45 -0.13
C ASN A 311 4.96 -10.88 1.20
N GLU A 312 4.00 -9.97 1.18
CA GLU A 312 3.53 -9.31 2.41
C GLU A 312 2.81 -10.27 3.35
N TYR A 313 2.30 -11.37 2.79
CA TYR A 313 1.49 -12.30 3.57
C TYR A 313 2.30 -13.33 4.33
N GLY A 314 3.51 -13.60 3.83
CA GLY A 314 4.40 -14.52 4.52
C GLY A 314 5.66 -14.89 3.77
N LEU A 315 6.42 -15.83 4.35
CA LEU A 315 7.61 -16.40 3.73
C LEU A 315 7.30 -17.87 3.51
N PHE A 316 7.34 -18.31 2.26
CA PHE A 316 6.88 -19.67 1.93
C PHE A 316 7.98 -20.46 1.25
N LYS A 317 8.26 -21.63 1.79
CA LYS A 317 9.35 -22.46 1.29
C LYS A 317 8.85 -23.37 0.18
N LEU A 318 9.25 -23.07 -1.04
CA LEU A 318 8.73 -23.73 -2.22
C LEU A 318 9.59 -24.90 -2.72
N GLY A 319 10.91 -24.77 -2.60
CA GLY A 319 11.81 -25.79 -3.12
C GLY A 319 12.43 -25.42 -4.46
N THR A 320 12.50 -26.39 -5.37
CA THR A 320 13.12 -26.15 -6.67
C THR A 320 12.21 -25.30 -7.56
N PRO A 321 12.79 -24.64 -8.58
CA PRO A 321 11.98 -23.85 -9.51
C PRO A 321 10.85 -24.69 -10.10
N GLU A 322 11.10 -25.98 -10.31
CA GLU A 322 10.09 -26.85 -10.90
C GLU A 322 8.98 -27.19 -9.91
N GLU A 323 9.35 -27.43 -8.65
CA GLU A 323 8.35 -27.64 -7.61
C GLU A 323 7.52 -26.38 -7.47
N ALA A 324 8.19 -25.25 -7.60
CA ALA A 324 7.52 -23.96 -7.52
C ALA A 324 6.56 -23.80 -8.70
N ARG A 325 7.04 -24.13 -9.89
CA ARG A 325 6.22 -24.06 -11.10
C ARG A 325 5.05 -25.03 -11.01
N ALA A 326 5.31 -26.22 -10.50
CA ALA A 326 4.23 -27.19 -10.36
C ALA A 326 3.17 -26.64 -9.40
N LEU A 327 3.61 -25.97 -8.34
CA LEU A 327 2.70 -25.36 -7.37
C LEU A 327 1.91 -24.21 -8.01
N TYR A 328 2.60 -23.35 -8.74
CA TYR A 328 1.95 -22.23 -9.41
C TYR A 328 0.89 -22.71 -10.40
N GLU A 329 1.16 -23.84 -11.07
CA GLU A 329 0.18 -24.42 -11.98
C GLU A 329 -1.11 -24.69 -11.24
N ARG A 330 -1.00 -25.20 -10.02
CA ARG A 330 -2.18 -25.60 -9.26
C ARG A 330 -3.00 -24.43 -8.69
N ILE A 331 -2.33 -23.40 -8.18
CA ILE A 331 -3.03 -22.36 -7.41
C ILE A 331 -2.70 -20.93 -7.83
N GLY A 332 -1.65 -20.75 -8.62
CA GLY A 332 -1.24 -19.43 -9.10
C GLY A 332 -2.18 -18.88 -10.17
N ILE A 333 -2.45 -17.59 -10.10
CA ILE A 333 -3.45 -16.94 -10.96
C ILE A 333 -2.80 -15.91 -11.89
N ARG A 334 -2.81 -16.23 -13.18
CA ARG A 334 -2.13 -15.46 -14.23
C ARG A 334 -1.83 -13.98 -13.96
N GLY A 335 -2.87 -13.16 -13.85
CA GLY A 335 -2.67 -11.74 -13.62
C GLY A 335 -2.95 -11.24 -12.22
N LYS A 336 -3.00 -12.15 -11.25
CA LYS A 336 -3.41 -11.80 -9.89
C LYS A 336 -2.29 -12.04 -8.89
N ASN A 337 -2.17 -13.28 -8.41
CA ASN A 337 -1.16 -13.63 -7.43
C ASN A 337 -0.77 -15.11 -7.41
N ALA A 338 0.23 -15.43 -6.60
CA ALA A 338 0.76 -16.79 -6.52
C ALA A 338 -0.19 -17.75 -5.81
N GLY A 339 -1.24 -17.23 -5.19
CA GLY A 339 -2.21 -18.08 -4.53
C GLY A 339 -2.71 -17.63 -3.17
N GLU A 340 -3.22 -16.40 -3.12
CA GLU A 340 -3.89 -15.92 -1.93
C GLU A 340 -5.28 -15.42 -2.31
N GLU A 341 -6.18 -15.43 -1.34
CA GLU A 341 -7.52 -14.91 -1.54
C GLU A 341 -7.96 -14.26 -0.23
N LEU A 342 -8.40 -13.02 -0.30
CA LEU A 342 -8.76 -12.24 0.88
C LEU A 342 -7.60 -12.17 1.88
N GLY A 343 -6.38 -12.13 1.36
CA GLY A 343 -5.19 -11.95 2.19
C GLY A 343 -4.76 -13.21 2.92
N VAL A 344 -5.32 -14.35 2.54
CA VAL A 344 -5.00 -15.64 3.15
C VAL A 344 -4.48 -16.61 2.09
N PRO A 345 -3.31 -17.20 2.34
CA PRO A 345 -2.77 -18.16 1.36
C PRO A 345 -3.71 -19.34 1.17
N LYS A 346 -3.86 -19.79 -0.07
CA LYS A 346 -4.57 -21.04 -0.32
C LYS A 346 -3.83 -22.17 0.42
N ASP A 347 -4.59 -23.17 0.82
CA ASP A 347 -4.08 -24.24 1.67
C ASP A 347 -2.73 -24.76 1.25
N GLU A 348 -2.56 -25.01 -0.04
CA GLU A 348 -1.34 -25.67 -0.49
C GLU A 348 -0.14 -24.74 -0.37
N LEU A 349 -0.39 -23.44 -0.46
CA LEU A 349 0.68 -22.48 -0.26
C LEU A 349 0.90 -22.29 1.24
N GLU A 350 -0.18 -22.29 2.01
CA GLU A 350 -0.08 -22.15 3.48
C GLU A 350 0.79 -23.25 4.10
N ASP A 351 0.69 -24.46 3.55
CA ASP A 351 1.48 -25.60 4.00
C ASP A 351 2.99 -25.32 3.91
N LYS A 352 3.37 -24.39 3.03
CA LYS A 352 4.77 -24.07 2.82
C LYS A 352 5.23 -22.94 3.74
N ARG A 353 4.34 -22.43 4.58
CA ARG A 353 4.69 -21.25 5.36
C ARG A 353 5.79 -21.54 6.41
N VAL A 354 6.78 -20.67 6.45
CA VAL A 354 7.72 -20.65 7.56
C VAL A 354 7.29 -19.51 8.47
N GLU A 355 6.75 -19.85 9.64
CA GLU A 355 6.26 -18.83 10.56
C GLU A 355 7.37 -17.89 10.95
N VAL A 356 7.04 -16.60 11.00
CA VAL A 356 7.94 -15.60 11.51
C VAL A 356 7.23 -14.71 12.51
N ARG A 357 8.00 -14.17 13.44
CA ARG A 357 7.47 -13.32 14.48
C ARG A 357 7.96 -11.88 14.26
N SER A 358 9.04 -11.72 13.51
CA SER A 358 9.72 -10.44 13.39
C SER A 358 10.38 -10.31 12.04
N GLU A 359 10.64 -9.06 11.64
CA GLU A 359 11.38 -8.81 10.42
C GLU A 359 12.70 -9.58 10.43
N GLN A 360 13.37 -9.57 11.58
CA GLN A 360 14.66 -10.21 11.74
C GLN A 360 14.59 -11.68 11.33
N ASP A 361 13.50 -12.35 11.70
CA ASP A 361 13.32 -13.75 11.30
C ASP A 361 13.51 -13.93 9.80
N VAL A 362 12.99 -12.99 9.01
CA VAL A 362 13.00 -13.12 7.55
C VAL A 362 14.42 -12.99 7.00
N PHE A 363 15.13 -11.96 7.43
CA PHE A 363 16.53 -11.79 7.08
C PHE A 363 17.30 -13.08 7.42
N ASP A 364 17.09 -13.60 8.62
CA ASP A 364 17.84 -14.77 9.09
C ASP A 364 17.60 -16.00 8.20
N VAL A 365 16.34 -16.29 7.92
CA VAL A 365 16.02 -17.46 7.11
C VAL A 365 16.58 -17.32 5.69
N LEU A 366 16.75 -16.09 5.23
CA LEU A 366 17.26 -15.83 3.89
C LEU A 366 18.78 -15.60 3.86
N GLY A 367 19.42 -15.67 5.02
CA GLY A 367 20.87 -15.56 5.08
C GLY A 367 21.36 -14.14 4.85
N MET A 368 20.50 -13.17 5.14
CA MET A 368 20.83 -11.76 4.93
C MET A 368 21.05 -11.06 6.26
N PRO A 369 22.02 -10.15 6.30
CA PRO A 369 22.25 -9.40 7.53
C PRO A 369 21.12 -8.39 7.75
N TYR A 370 20.65 -8.29 8.98
CA TYR A 370 19.61 -7.36 9.32
C TYR A 370 19.92 -5.93 8.89
N ALA A 371 18.93 -5.25 8.35
CA ALA A 371 19.05 -3.82 8.11
C ALA A 371 17.88 -3.11 8.77
N LYS A 372 18.18 -2.13 9.61
CA LYS A 372 17.13 -1.30 10.21
C LYS A 372 16.37 -0.60 9.11
N PRO A 373 15.12 -0.19 9.40
CA PRO A 373 14.29 0.51 8.41
C PRO A 373 15.06 1.65 7.72
N GLU A 374 15.80 2.42 8.50
CA GLU A 374 16.49 3.62 8.01
C GLU A 374 17.67 3.27 7.10
N ASN A 375 18.06 2.01 7.08
CA ASN A 375 19.10 1.56 6.18
C ASN A 375 18.56 0.71 5.03
N ARG A 376 17.28 0.90 4.71
CA ARG A 376 16.66 0.16 3.61
C ARG A 376 16.37 1.08 2.42
N ASP A 377 17.38 1.84 2.04
CA ASP A 377 17.31 2.68 0.84
C ASP A 377 18.47 2.39 -0.11
N PRO A 378 18.59 1.13 -0.55
CA PRO A 378 19.73 0.75 -1.41
C PRO A 378 19.68 1.44 -2.77
#